data_1NMB
#
_entry.id   1NMB
#
_cell.length_a   169.400
_cell.length_b   169.400
_cell.length_c   156.900
_cell.angle_alpha   90.00
_cell.angle_beta   90.00
_cell.angle_gamma   90.00
#
_symmetry.space_group_name_H-M   'I 4 2 2'
#
loop_
_entity.id
_entity.type
_entity.pdbx_description
1 polymer 'N9 NEURAMINIDASE'
2 polymer 'FAB NC10'
3 polymer 'FAB NC10'
4 branched alpha-D-mannopyranose-(1-2)-alpha-D-mannopyranose-(1-2)-alpha-D-mannopyranose-(1-3)-[alpha-D-mannopyranose-(1-6)]beta-D-mannopyranose-(1-4)-2-acetamido-2-deoxy-beta-D-glucopyranose-(1-4)-2-acetamido-2-deoxy-beta-D-glucopyranose
5 non-polymer 2-acetamido-2-deoxy-beta-D-glucopyranose
6 non-polymer 'CALCIUM ION'
7 water water
#
loop_
_entity_poly.entity_id
_entity_poly.type
_entity_poly.pdbx_seq_one_letter_code
_entity_poly.pdbx_strand_id
1 'polypeptide(L)'
;MNPNQKILCTSATALVIGTIAVLIGIVNLGLNIGLHLKPSCNCSRSQPEATNASQTIINNYYNETNITQISNTNIQVEER
ASREFNNLTKGLCTINSWHIYGKDNAVRIGEDSDVLVTREPYVSCDPDECRFYALSQGTTIRGKHSNGTIHDRSQYRDLI
SWPLSSPPTVYNSRVECIGWSSTSCHDGRARMSICISGPNNNASAVIWYNRRPVTEINTWARNILRTQESECVCQNGVCP
VVFTDGSATGPAETRIYYFKEGKILKWEPLTGTAKHIEECSCYGEQAGVTCTCRDNWQGSNRPVIQIDPVAMTHTSQYIC
SPVLTDNPRPNDPTVGKCNDPYPGNNNNGVKGFSYLDGGNTWLGRTISIASRSGYEMLKVPNALTDDRSKPTQGQTIVLN
TDWSGYSGSFMDYWAEGECYRACFYVELIRGRPKEDKVWWTSNSIVSMCSSTEFLGQWNWPDGAKIEYFL
;
N
2 'polypeptide(L)'
;DIQMTQTTSSLSASLGDRVTISCRASQDISNYLNWYQQNPDGTVKLLIYYTSNLHSEVPSRFSGSGSGTDYSLTISNLEQ
EDIATYFCQQDFTLPFTFGGGTKLEIRRA
;
L
3 'polypeptide(L)'
;QVQLQQPGAELVKPGASVRMSCKASGYTFTNYNMYWVKQSPGQGLEWIGIFYPGNGDTSYNQKFKDKATLTADKSSNTAY
MQLSSLTSEDSAVYYCARSGGSYRYDGGFDYWGQGTTLTVSS
;
H
#
# COMPACT_ATOMS: atom_id res chain seq x y z
N ARG A 83 -22.29 -29.82 21.21
CA ARG A 83 -21.16 -28.86 21.08
C ARG A 83 -21.52 -27.63 21.89
N GLU A 84 -20.58 -27.15 22.70
CA GLU A 84 -20.83 -25.94 23.49
C GLU A 84 -20.27 -24.78 22.69
N PHE A 85 -20.71 -23.56 22.99
CA PHE A 85 -20.20 -22.39 22.25
C PHE A 85 -18.75 -22.17 22.63
N ASN A 86 -17.91 -21.83 21.66
CA ASN A 86 -16.50 -21.58 21.92
C ASN A 86 -16.31 -20.49 23.00
N ASN A 87 -15.07 -20.28 23.43
CA ASN A 87 -14.76 -19.24 24.42
C ASN A 87 -13.32 -18.83 24.33
N LEU A 88 -13.10 -17.54 24.14
CA LEU A 88 -11.76 -17.00 24.02
C LEU A 88 -11.05 -17.12 25.38
N THR A 89 -10.74 -18.38 25.73
CA THR A 89 -10.09 -18.75 26.98
C THR A 89 -8.58 -18.53 27.03
N LYS A 90 -7.90 -18.77 25.92
CA LYS A 90 -6.43 -18.66 25.86
C LYS A 90 -5.90 -17.34 25.33
N GLY A 91 -4.56 -17.21 25.33
CA GLY A 91 -3.90 -16.03 24.83
C GLY A 91 -2.99 -16.42 23.67
N LEU A 92 -2.39 -15.44 22.99
CA LEU A 92 -1.48 -15.72 21.86
C LEU A 92 -0.14 -16.27 22.35
N CYS A 93 0.43 -17.22 21.62
CA CYS A 93 1.73 -17.80 22.00
C CYS A 93 2.84 -16.85 21.59
N THR A 94 4.03 -17.09 22.11
CA THR A 94 5.13 -16.24 21.74
C THR A 94 5.48 -16.47 20.29
N ILE A 95 5.37 -15.39 19.54
CA ILE A 95 5.61 -15.36 18.13
C ILE A 95 7.07 -15.00 17.91
N ASN A 96 7.83 -15.97 17.38
CA ASN A 96 9.24 -15.78 17.06
C ASN A 96 9.48 -16.02 15.55
N SER A 97 8.63 -16.82 14.94
CA SER A 97 8.78 -17.08 13.52
C SER A 97 7.43 -17.47 12.88
N TRP A 98 7.30 -17.21 11.57
CA TRP A 98 6.09 -17.56 10.87
C TRP A 98 6.28 -18.74 9.97
N HIS A 99 5.73 -19.89 10.35
CA HIS A 99 5.90 -21.11 9.54
C HIS A 99 4.82 -21.23 8.46
N ILE A 100 5.15 -21.83 7.32
CA ILE A 100 4.21 -21.98 6.20
C ILE A 100 2.99 -22.82 6.59
N TYR A 101 1.79 -22.39 6.23
CA TYR A 101 0.58 -23.12 6.62
C TYR A 101 -0.34 -23.65 5.53
N GLY A 102 -0.40 -22.92 4.43
CA GLY A 102 -1.22 -23.30 3.31
C GLY A 102 -0.78 -22.45 2.14
N LYS A 103 -1.03 -22.95 0.94
CA LYS A 103 -0.70 -22.27 -0.30
C LYS A 103 -1.32 -23.13 -1.37
N ASP A 104 -2.25 -22.55 -2.10
CA ASP A 104 -2.93 -23.26 -3.17
C ASP A 104 -2.46 -22.53 -4.38
N ASN A 105 -1.70 -23.20 -5.23
CA ASN A 105 -1.18 -22.53 -6.40
C ASN A 105 -2.27 -22.42 -7.46
N ALA A 106 -3.36 -21.77 -7.08
CA ALA A 106 -4.57 -21.57 -7.88
C ALA A 106 -4.39 -21.06 -9.28
N VAL A 107 -3.58 -20.06 -9.45
CA VAL A 107 -3.41 -19.54 -10.80
C VAL A 107 -2.49 -20.45 -11.59
N ARG A 108 -1.57 -21.12 -10.90
CA ARG A 108 -0.62 -22.02 -11.57
C ARG A 108 -1.44 -23.12 -12.19
N ILE A 109 -2.11 -23.86 -11.33
CA ILE A 109 -2.94 -24.96 -11.74
C ILE A 109 -4.10 -24.49 -12.60
N GLY A 110 -4.65 -23.34 -12.25
CA GLY A 110 -5.77 -22.75 -12.96
C GLY A 110 -5.66 -22.66 -14.46
N GLU A 111 -4.46 -22.56 -15.00
CA GLU A 111 -4.39 -22.45 -16.46
C GLU A 111 -4.73 -23.75 -17.21
N ASP A 112 -4.91 -24.84 -16.47
CA ASP A 112 -5.22 -26.11 -17.07
C ASP A 112 -5.97 -26.95 -16.06
N SER A 113 -7.09 -26.40 -15.59
CA SER A 113 -7.95 -27.05 -14.61
C SER A 113 -9.14 -26.13 -14.44
N ASP A 114 -10.14 -26.51 -13.65
CA ASP A 114 -11.32 -25.65 -13.58
C ASP A 114 -11.42 -24.84 -12.31
N VAL A 115 -10.49 -23.91 -12.20
CA VAL A 115 -10.41 -23.03 -11.05
C VAL A 115 -11.25 -21.78 -11.28
N LEU A 116 -12.07 -21.48 -10.31
CA LEU A 116 -12.93 -20.32 -10.33
C LEU A 116 -12.09 -19.06 -10.13
N VAL A 117 -12.55 -17.96 -10.72
CA VAL A 117 -11.91 -16.66 -10.55
C VAL A 117 -12.39 -16.14 -9.19
N THR A 118 -11.46 -15.64 -8.39
CA THR A 118 -11.83 -15.16 -7.06
C THR A 118 -11.13 -13.85 -6.69
N ARG A 119 -11.28 -13.49 -5.43
CA ARG A 119 -10.62 -12.39 -4.77
C ARG A 119 -11.20 -12.25 -3.39
N GLU A 120 -10.60 -11.39 -2.57
CA GLU A 120 -11.05 -11.18 -1.21
C GLU A 120 -11.10 -12.50 -0.45
N PRO A 121 -10.02 -13.29 -0.47
CA PRO A 121 -10.00 -14.57 0.24
C PRO A 121 -9.70 -14.40 1.70
N TYR A 122 -9.80 -15.49 2.44
CA TYR A 122 -9.51 -15.55 3.85
C TYR A 122 -9.69 -16.98 4.31
N VAL A 123 -9.33 -17.24 5.55
CA VAL A 123 -9.42 -18.60 6.04
C VAL A 123 -10.06 -18.66 7.38
N SER A 124 -10.82 -19.71 7.59
CA SER A 124 -11.50 -19.87 8.84
C SER A 124 -11.55 -21.35 9.07
N CYS A 125 -11.79 -21.67 10.34
CA CYS A 125 -11.79 -23.00 10.85
C CYS A 125 -13.05 -23.24 11.63
N ASP A 126 -13.50 -24.49 11.61
CA ASP A 126 -14.64 -24.91 12.39
C ASP A 126 -13.92 -25.85 13.33
N PRO A 127 -14.63 -26.41 14.31
CA PRO A 127 -14.05 -27.34 15.26
C PRO A 127 -13.33 -28.58 14.71
N ASP A 128 -13.24 -28.73 13.39
CA ASP A 128 -12.60 -29.91 12.82
C ASP A 128 -12.11 -29.73 11.39
N GLU A 129 -11.88 -28.50 10.98
CA GLU A 129 -11.41 -28.25 9.62
C GLU A 129 -11.10 -26.77 9.50
N CYS A 130 -10.27 -26.42 8.54
CA CYS A 130 -9.99 -25.00 8.25
C CYS A 130 -10.02 -25.06 6.73
N ARG A 131 -10.69 -24.10 6.11
CA ARG A 131 -10.82 -24.10 4.66
C ARG A 131 -10.64 -22.70 4.13
N PHE A 132 -10.36 -22.60 2.84
CA PHE A 132 -10.24 -21.28 2.25
C PHE A 132 -11.66 -20.77 1.88
N TYR A 133 -11.76 -19.45 1.76
CA TYR A 133 -13.00 -18.78 1.41
C TYR A 133 -12.64 -17.61 0.45
N ALA A 134 -13.58 -17.20 -0.38
CA ALA A 134 -13.34 -16.09 -1.28
C ALA A 134 -14.59 -15.66 -2.03
N LEU A 135 -14.45 -14.58 -2.77
CA LEU A 135 -15.56 -14.09 -3.53
C LEU A 135 -15.29 -14.53 -4.92
N SER A 136 -16.06 -15.54 -5.31
CA SER A 136 -15.94 -16.10 -6.63
C SER A 136 -16.52 -15.06 -7.59
N GLN A 137 -16.19 -15.17 -8.87
CA GLN A 137 -16.70 -14.26 -9.88
C GLN A 137 -17.64 -15.02 -10.82
N GLY A 138 -17.97 -16.26 -10.45
CA GLY A 138 -18.86 -17.06 -11.28
C GLY A 138 -18.33 -17.31 -12.67
N THR A 139 -17.07 -17.70 -12.76
CA THR A 139 -16.44 -18.00 -14.04
C THR A 139 -15.09 -18.55 -13.67
N THR A 140 -14.53 -19.39 -14.55
CA THR A 140 -13.21 -19.96 -14.30
C THR A 140 -12.20 -18.96 -14.87
N ILE A 141 -10.93 -19.30 -14.80
CA ILE A 141 -9.92 -18.37 -15.29
C ILE A 141 -9.76 -18.40 -16.79
N ARG A 142 -9.80 -19.59 -17.37
CA ARG A 142 -9.57 -19.67 -18.82
C ARG A 142 -10.77 -19.43 -19.72
N GLY A 143 -11.96 -19.44 -19.15
CA GLY A 143 -13.13 -19.22 -19.95
C GLY A 143 -13.21 -17.77 -20.33
N LYS A 144 -14.00 -17.52 -21.36
CA LYS A 144 -14.25 -16.18 -21.88
C LYS A 144 -14.94 -15.24 -20.86
N HIS A 145 -15.71 -15.79 -19.93
CA HIS A 145 -16.38 -14.97 -18.92
C HIS A 145 -15.47 -14.36 -17.85
N SER A 146 -14.15 -14.35 -18.09
CA SER A 146 -13.23 -13.74 -17.10
C SER A 146 -12.85 -12.31 -17.48
N ASN A 147 -13.17 -11.91 -18.71
CA ASN A 147 -12.89 -10.56 -19.15
C ASN A 147 -13.78 -9.64 -18.33
N GLY A 148 -13.15 -8.78 -17.52
CA GLY A 148 -13.88 -7.84 -16.71
C GLY A 148 -13.91 -8.14 -15.24
N THR A 149 -13.18 -9.14 -14.79
CA THR A 149 -13.20 -9.49 -13.39
C THR A 149 -12.56 -8.50 -12.42
N ILE A 150 -11.96 -7.44 -12.96
CA ILE A 150 -11.39 -6.38 -12.14
C ILE A 150 -12.58 -5.88 -11.31
N HIS A 151 -13.68 -5.62 -12.02
CA HIS A 151 -14.90 -5.15 -11.38
C HIS A 151 -15.25 -5.98 -10.18
N ASP A 152 -15.28 -5.36 -9.00
CA ASP A 152 -15.60 -6.11 -7.77
C ASP A 152 -17.03 -6.21 -7.22
N ARG A 153 -18.04 -6.03 -8.05
CA ARG A 153 -19.42 -6.13 -7.58
C ARG A 153 -20.39 -6.45 -8.69
N SER A 154 -20.94 -7.66 -8.68
CA SER A 154 -21.90 -8.04 -9.70
C SER A 154 -22.77 -9.13 -9.11
N GLN A 155 -23.88 -9.43 -9.79
CA GLN A 155 -24.78 -10.46 -9.28
C GLN A 155 -24.34 -11.92 -9.51
N TYR A 156 -23.18 -12.07 -10.14
CA TYR A 156 -22.57 -13.38 -10.41
C TYR A 156 -21.40 -13.68 -9.45
N ARG A 157 -21.48 -13.30 -8.17
CA ARG A 157 -20.41 -13.55 -7.21
C ARG A 157 -21.01 -14.20 -6.02
N ASP A 158 -20.36 -15.22 -5.53
CA ASP A 158 -20.87 -15.94 -4.40
C ASP A 158 -19.69 -16.13 -3.49
N LEU A 159 -19.94 -16.39 -2.22
CA LEU A 159 -18.87 -16.66 -1.27
C LEU A 159 -18.73 -18.16 -1.37
N ILE A 160 -17.55 -18.66 -1.72
CA ILE A 160 -17.34 -20.11 -1.81
C ILE A 160 -16.30 -20.54 -0.77
N SER A 161 -16.39 -21.76 -0.22
CA SER A 161 -15.37 -22.23 0.72
C SER A 161 -14.71 -23.45 0.09
N TRP A 162 -13.53 -23.85 0.58
CA TRP A 162 -12.84 -25.04 0.04
C TRP A 162 -11.73 -25.66 0.85
N PRO A 163 -11.44 -26.95 0.60
CA PRO A 163 -10.40 -27.70 1.31
C PRO A 163 -9.08 -26.94 1.46
N LEU A 164 -8.59 -26.87 2.68
CA LEU A 164 -7.33 -26.19 2.93
C LEU A 164 -6.21 -26.58 1.95
N SER A 165 -5.75 -25.54 1.26
CA SER A 165 -4.67 -25.56 0.30
C SER A 165 -4.96 -26.08 -1.08
N SER A 166 -6.17 -26.57 -1.35
CA SER A 166 -6.50 -27.03 -2.71
C SER A 166 -7.02 -25.77 -3.49
N PRO A 167 -7.07 -25.84 -4.85
CA PRO A 167 -7.56 -24.66 -5.55
C PRO A 167 -9.10 -24.60 -5.64
N PRO A 168 -9.68 -23.38 -5.70
CA PRO A 168 -11.14 -23.26 -5.78
C PRO A 168 -11.57 -23.76 -7.13
N THR A 169 -11.93 -25.02 -7.22
CA THR A 169 -12.37 -25.53 -8.52
C THR A 169 -13.88 -25.65 -8.50
N VAL A 170 -14.50 -25.49 -9.65
CA VAL A 170 -15.95 -25.58 -9.77
C VAL A 170 -16.40 -26.85 -9.12
N TYR A 171 -15.63 -27.92 -9.35
CA TYR A 171 -15.98 -29.25 -8.86
C TYR A 171 -15.74 -29.52 -7.41
N ASN A 172 -15.04 -28.64 -6.70
CA ASN A 172 -14.79 -28.89 -5.28
C ASN A 172 -15.21 -27.76 -4.35
N SER A 173 -15.47 -26.60 -4.93
CA SER A 173 -15.89 -25.45 -4.16
C SER A 173 -17.31 -25.72 -3.69
N ARG A 174 -17.72 -24.96 -2.68
CA ARG A 174 -19.05 -25.08 -2.05
C ARG A 174 -19.60 -23.68 -1.79
N VAL A 175 -20.56 -23.23 -2.61
CA VAL A 175 -21.15 -21.90 -2.42
C VAL A 175 -21.65 -21.82 -0.99
N GLU A 176 -21.52 -20.63 -0.40
CA GLU A 176 -21.92 -20.38 0.97
C GLU A 176 -23.09 -19.38 1.13
N CYS A 177 -23.18 -18.44 0.20
CA CYS A 177 -24.26 -17.44 0.10
C CYS A 177 -23.95 -16.58 -1.09
N ILE A 178 -24.89 -15.74 -1.51
CA ILE A 178 -24.69 -14.89 -2.68
C ILE A 178 -24.47 -13.45 -2.22
N GLY A 179 -23.51 -12.79 -2.87
CA GLY A 179 -23.15 -11.41 -2.54
C GLY A 179 -21.67 -11.11 -2.83
N TRP A 180 -21.29 -9.84 -2.75
CA TRP A 180 -19.93 -9.42 -3.05
C TRP A 180 -19.08 -8.79 -1.90
N SER A 181 -19.42 -9.14 -0.66
CA SER A 181 -18.73 -8.66 0.55
C SER A 181 -19.22 -9.64 1.62
N SER A 182 -18.32 -10.18 2.44
CA SER A 182 -18.70 -11.19 3.44
C SER A 182 -17.87 -11.23 4.72
N THR A 183 -18.02 -12.33 5.45
CA THR A 183 -17.29 -12.62 6.67
C THR A 183 -17.94 -13.91 7.13
N SER A 184 -17.26 -14.68 7.97
CA SER A 184 -17.82 -15.94 8.49
C SER A 184 -17.00 -16.45 9.68
N CYS A 185 -17.69 -16.89 10.73
CA CYS A 185 -17.06 -17.44 11.92
C CYS A 185 -17.86 -18.65 12.36
N HIS A 186 -17.26 -19.53 13.14
CA HIS A 186 -17.98 -20.70 13.62
C HIS A 186 -17.99 -20.50 15.10
N ASP A 187 -19.17 -20.44 15.70
CA ASP A 187 -19.28 -20.22 17.14
C ASP A 187 -19.04 -21.41 18.02
N GLY A 188 -18.92 -22.59 17.45
CA GLY A 188 -18.73 -23.76 18.29
C GLY A 188 -19.71 -24.78 17.76
N ARG A 189 -20.99 -24.44 17.89
CA ARG A 189 -22.08 -25.27 17.39
C ARG A 189 -22.12 -25.19 15.86
N ALA A 190 -22.38 -24.02 15.29
CA ALA A 190 -22.42 -23.90 13.85
C ALA A 190 -21.77 -22.62 13.32
N ARG A 191 -21.67 -22.57 11.99
CA ARG A 191 -21.11 -21.43 11.30
C ARG A 191 -22.14 -20.33 11.06
N MET A 192 -21.66 -19.10 10.93
CA MET A 192 -22.50 -17.95 10.59
C MET A 192 -21.83 -17.36 9.41
N SER A 193 -22.55 -17.22 8.32
CA SER A 193 -21.97 -16.61 7.15
C SER A 193 -22.82 -15.43 6.79
N ILE A 194 -22.19 -14.36 6.33
CA ILE A 194 -22.91 -13.16 5.95
C ILE A 194 -22.47 -12.73 4.57
N CYS A 195 -23.43 -12.49 3.70
CA CYS A 195 -23.16 -12.03 2.34
C CYS A 195 -24.01 -10.82 2.07
N ILE A 196 -23.38 -9.82 1.48
CA ILE A 196 -24.02 -8.57 1.13
C ILE A 196 -24.10 -8.51 -0.40
N SER A 197 -25.28 -8.20 -0.90
CA SER A 197 -25.48 -8.09 -2.33
C SER A 197 -26.43 -6.94 -2.55
N GLY A 198 -26.74 -6.66 -3.81
CA GLY A 198 -27.65 -5.57 -4.16
C GLY A 198 -26.94 -4.45 -4.94
N PRO A 199 -27.67 -3.40 -5.31
CA PRO A 199 -27.01 -2.30 -6.02
C PRO A 199 -26.42 -1.34 -4.92
N ASN A 200 -25.49 -0.46 -5.30
CA ASN A 200 -24.87 0.45 -4.34
C ASN A 200 -25.79 1.15 -3.39
N ASN A 201 -26.90 1.67 -3.91
CA ASN A 201 -27.84 2.40 -3.07
C ASN A 201 -28.91 1.55 -2.46
N ASN A 202 -28.99 0.28 -2.86
CA ASN A 202 -30.02 -0.56 -2.31
C ASN A 202 -29.55 -1.94 -1.86
N ALA A 203 -28.39 -2.00 -1.20
CA ALA A 203 -27.84 -3.30 -0.72
C ALA A 203 -28.39 -3.87 0.59
N SER A 204 -28.26 -5.19 0.73
CA SER A 204 -28.76 -5.91 1.89
C SER A 204 -27.76 -6.98 2.29
N ALA A 205 -27.80 -7.36 3.57
CA ALA A 205 -26.94 -8.39 4.14
C ALA A 205 -27.84 -9.49 4.70
N VAL A 206 -27.81 -10.68 4.10
CA VAL A 206 -28.62 -11.78 4.61
C VAL A 206 -27.66 -12.60 5.42
N ILE A 207 -27.99 -12.80 6.68
CA ILE A 207 -27.17 -13.55 7.60
C ILE A 207 -27.58 -15.04 7.69
N TRP A 208 -26.72 -15.91 7.18
CA TRP A 208 -27.00 -17.34 7.27
C TRP A 208 -26.39 -17.90 8.54
N TYR A 209 -27.09 -18.79 9.21
CA TYR A 209 -26.54 -19.44 10.38
C TYR A 209 -26.89 -20.91 10.22
N ASN A 210 -25.89 -21.72 9.96
CA ASN A 210 -26.09 -23.15 9.80
C ASN A 210 -26.73 -23.56 8.49
N ARG A 211 -26.16 -23.05 7.40
CA ARG A 211 -26.63 -23.31 6.04
C ARG A 211 -28.02 -22.77 5.68
N ARG A 212 -28.62 -22.00 6.60
CA ARG A 212 -29.93 -21.40 6.41
C ARG A 212 -29.96 -19.90 6.69
N PRO A 213 -30.63 -19.11 5.84
CA PRO A 213 -30.73 -17.65 6.03
C PRO A 213 -31.64 -17.45 7.23
N VAL A 214 -31.33 -16.46 8.07
CA VAL A 214 -32.09 -16.24 9.28
C VAL A 214 -32.38 -14.78 9.61
N THR A 215 -31.57 -13.88 9.07
CA THR A 215 -31.72 -12.49 9.33
C THR A 215 -31.28 -11.72 8.08
N GLU A 216 -31.84 -10.53 7.90
CA GLU A 216 -31.53 -9.69 6.78
C GLU A 216 -31.40 -8.28 7.35
N ILE A 217 -30.57 -7.46 6.74
CA ILE A 217 -30.43 -6.11 7.20
C ILE A 217 -30.28 -5.26 5.98
N ASN A 218 -31.26 -4.38 5.77
CA ASN A 218 -31.18 -3.49 4.63
C ASN A 218 -30.23 -2.34 4.90
N THR A 219 -29.73 -1.75 3.82
CA THR A 219 -28.82 -0.61 3.84
C THR A 219 -29.30 0.54 4.76
N TRP A 220 -28.35 1.23 5.40
CA TRP A 220 -28.69 2.36 6.25
C TRP A 220 -28.33 3.74 5.69
N ALA A 221 -27.23 3.80 4.95
CA ALA A 221 -26.78 5.05 4.34
C ALA A 221 -26.87 4.93 2.84
N ARG A 222 -27.45 3.83 2.36
CA ARG A 222 -27.63 3.61 0.92
C ARG A 222 -26.38 3.92 0.11
N ASN A 223 -25.24 3.38 0.54
CA ASN A 223 -24.01 3.62 -0.20
C ASN A 223 -22.96 2.57 0.10
N ILE A 224 -23.08 1.46 -0.63
CA ILE A 224 -22.20 0.29 -0.59
C ILE A 224 -21.99 -0.35 0.78
N LEU A 225 -23.11 -0.79 1.36
CA LEU A 225 -23.10 -1.48 2.63
C LEU A 225 -22.04 -2.58 2.43
N ARG A 226 -20.94 -2.51 3.17
CA ARG A 226 -19.85 -3.48 3.03
C ARG A 226 -19.44 -4.00 4.41
N THR A 227 -18.75 -5.12 4.47
CA THR A 227 -18.32 -5.66 5.77
C THR A 227 -16.84 -6.11 5.84
N GLN A 228 -16.51 -7.05 6.73
CA GLN A 228 -15.13 -7.49 6.95
C GLN A 228 -14.17 -7.96 5.85
N GLU A 229 -14.61 -8.95 5.09
CA GLU A 229 -13.80 -9.56 4.03
C GLU A 229 -12.76 -10.50 4.67
N SER A 230 -13.06 -11.00 5.86
CA SER A 230 -12.22 -11.96 6.53
C SER A 230 -13.03 -12.44 7.72
N GLU A 231 -12.69 -13.64 8.16
CA GLU A 231 -13.35 -14.30 9.26
C GLU A 231 -13.63 -13.41 10.46
N CYS A 232 -14.75 -13.65 11.12
CA CYS A 232 -15.19 -12.92 12.34
C CYS A 232 -14.90 -13.80 13.57
N VAL A 233 -14.94 -13.23 14.78
CA VAL A 233 -14.66 -13.98 16.01
C VAL A 233 -15.90 -13.92 16.87
N CYS A 234 -16.11 -15.01 17.62
CA CYS A 234 -17.25 -15.22 18.50
C CYS A 234 -16.80 -15.68 19.89
N GLN A 235 -17.51 -15.24 20.92
CA GLN A 235 -17.21 -15.64 22.29
C GLN A 235 -18.53 -16.05 22.94
N ASN A 236 -18.57 -17.28 23.47
CA ASN A 236 -19.77 -17.84 24.14
C ASN A 236 -21.09 -17.62 23.37
N GLY A 237 -21.03 -17.63 22.05
CA GLY A 237 -22.24 -17.46 21.26
C GLY A 237 -22.43 -16.12 20.57
N VAL A 238 -21.68 -15.12 21.01
CA VAL A 238 -21.79 -13.80 20.42
C VAL A 238 -20.66 -13.57 19.48
N CYS A 239 -20.98 -13.18 18.26
CA CYS A 239 -19.98 -12.95 17.24
C CYS A 239 -19.97 -11.51 16.77
N PRO A 240 -19.08 -10.68 17.35
CA PRO A 240 -19.13 -9.30 16.86
C PRO A 240 -18.69 -9.21 15.40
N VAL A 241 -19.29 -8.29 14.67
CA VAL A 241 -18.93 -8.07 13.27
C VAL A 241 -19.18 -6.61 12.90
N VAL A 242 -18.24 -6.10 12.11
CA VAL A 242 -18.17 -4.72 11.67
C VAL A 242 -18.61 -4.44 10.20
N PHE A 243 -19.51 -3.47 10.01
CA PHE A 243 -20.01 -3.07 8.69
C PHE A 243 -19.74 -1.59 8.49
N THR A 244 -19.87 -1.14 7.27
CA THR A 244 -19.71 0.27 6.95
C THR A 244 -20.63 0.61 5.77
N ASP A 245 -21.38 1.69 5.90
CA ASP A 245 -22.26 2.07 4.82
C ASP A 245 -22.08 3.54 4.69
N GLY A 246 -21.61 3.96 3.53
CA GLY A 246 -21.39 5.36 3.28
C GLY A 246 -20.26 5.72 2.33
N SER A 247 -19.71 6.90 2.56
CA SER A 247 -18.64 7.42 1.74
C SER A 247 -17.38 6.59 1.95
N ALA A 248 -16.64 6.40 0.88
CA ALA A 248 -15.38 5.67 0.96
C ALA A 248 -14.26 6.70 0.88
N THR A 249 -14.60 7.96 1.05
CA THR A 249 -13.64 9.02 0.90
C THR A 249 -14.10 10.24 1.70
N GLY A 250 -14.74 9.96 2.81
CA GLY A 250 -15.24 11.01 3.66
C GLY A 250 -15.91 10.21 4.74
N PRO A 251 -16.30 10.85 5.85
CA PRO A 251 -16.95 10.17 6.96
C PRO A 251 -18.15 9.32 6.50
N ALA A 252 -18.46 8.28 7.26
CA ALA A 252 -19.56 7.36 6.93
C ALA A 252 -20.19 6.74 8.17
N GLU A 253 -20.99 5.70 8.00
CA GLU A 253 -21.63 5.14 9.18
C GLU A 253 -21.30 3.69 9.41
N THR A 254 -20.47 3.41 10.41
CA THR A 254 -20.14 2.03 10.67
C THR A 254 -20.80 1.53 11.93
N ARG A 255 -21.15 0.26 11.94
CA ARG A 255 -21.80 -0.34 13.09
C ARG A 255 -21.15 -1.66 13.44
N ILE A 256 -21.23 -1.98 14.72
CA ILE A 256 -20.69 -3.22 15.26
C ILE A 256 -21.93 -4.02 15.58
N TYR A 257 -22.26 -4.97 14.71
CA TYR A 257 -23.45 -5.81 14.96
C TYR A 257 -23.01 -6.98 15.81
N TYR A 258 -23.88 -7.38 16.74
CA TYR A 258 -23.59 -8.50 17.63
C TYR A 258 -24.64 -9.59 17.40
N PHE A 259 -24.24 -10.67 16.73
CA PHE A 259 -25.15 -11.77 16.43
C PHE A 259 -24.98 -12.97 17.33
N LYS A 260 -26.05 -13.74 17.49
CA LYS A 260 -25.99 -14.98 18.25
C LYS A 260 -26.91 -15.93 17.49
N GLU A 261 -26.37 -17.06 17.05
CA GLU A 261 -27.12 -18.06 16.29
C GLU A 261 -27.89 -17.40 15.14
N GLY A 262 -27.28 -16.35 14.57
CA GLY A 262 -27.89 -15.68 13.44
C GLY A 262 -28.72 -14.48 13.75
N LYS A 263 -29.14 -14.34 15.00
CA LYS A 263 -29.97 -13.25 15.45
C LYS A 263 -29.22 -12.01 15.96
N ILE A 264 -29.77 -10.84 15.67
CA ILE A 264 -29.18 -9.58 16.09
C ILE A 264 -29.50 -9.35 17.55
N LEU A 265 -28.47 -9.37 18.39
CA LEU A 265 -28.67 -9.14 19.81
C LEU A 265 -28.59 -7.64 20.11
N LYS A 266 -28.02 -6.87 19.18
CA LYS A 266 -27.85 -5.44 19.38
C LYS A 266 -26.89 -4.92 18.31
N TRP A 267 -26.66 -3.62 18.29
CA TRP A 267 -25.70 -2.98 17.40
C TRP A 267 -25.39 -1.63 18.00
N GLU A 268 -24.37 -0.98 17.47
CA GLU A 268 -23.99 0.33 17.97
C GLU A 268 -23.09 1.01 16.98
N PRO A 269 -23.19 2.35 16.92
CA PRO A 269 -22.38 3.19 16.04
C PRO A 269 -20.94 3.24 16.55
N LEU A 270 -20.02 3.51 15.64
CA LEU A 270 -18.59 3.55 15.96
C LEU A 270 -18.19 4.68 16.90
N THR A 271 -17.46 4.34 17.95
CA THR A 271 -16.92 5.36 18.86
C THR A 271 -15.41 5.23 18.93
N GLY A 272 -14.79 6.01 19.78
CA GLY A 272 -13.35 5.93 19.89
C GLY A 272 -12.82 7.01 18.97
N THR A 273 -11.50 7.06 18.80
CA THR A 273 -10.86 8.07 17.99
C THR A 273 -10.64 7.75 16.51
N ALA A 274 -11.07 6.57 16.07
CA ALA A 274 -10.87 6.15 14.69
C ALA A 274 -11.73 6.94 13.70
N LYS A 275 -11.07 7.66 12.80
CA LYS A 275 -11.77 8.47 11.82
C LYS A 275 -12.59 7.71 10.80
N HIS A 276 -12.09 6.60 10.29
CA HIS A 276 -12.82 5.86 9.26
C HIS A 276 -12.46 4.40 9.37
N ILE A 277 -13.47 3.56 9.26
CA ILE A 277 -13.28 2.15 9.37
C ILE A 277 -13.79 1.42 8.15
N GLU A 278 -12.99 0.43 7.75
CA GLU A 278 -13.23 -0.37 6.57
C GLU A 278 -12.37 -1.67 6.63
N GLU A 279 -12.95 -2.78 6.19
CA GLU A 279 -12.19 -4.03 6.07
C GLU A 279 -11.40 -4.49 7.29
N CYS A 280 -12.09 -4.56 8.42
CA CYS A 280 -11.52 -4.97 9.70
C CYS A 280 -11.08 -6.43 9.79
N SER A 281 -9.86 -6.63 10.28
CA SER A 281 -9.30 -7.94 10.49
C SER A 281 -9.38 -8.16 11.99
N CYS A 282 -10.19 -9.14 12.42
CA CYS A 282 -10.35 -9.40 13.84
C CYS A 282 -9.81 -10.75 14.25
N TYR A 283 -9.28 -10.79 15.47
CA TYR A 283 -8.74 -12.00 16.07
C TYR A 283 -9.30 -11.96 17.48
N GLY A 284 -9.23 -13.09 18.15
CA GLY A 284 -9.74 -13.16 19.51
C GLY A 284 -8.66 -13.80 20.37
N GLU A 285 -8.80 -13.63 21.67
CA GLU A 285 -7.91 -14.15 22.71
C GLU A 285 -8.28 -13.42 23.98
N GLN A 286 -8.41 -14.15 25.07
CA GLN A 286 -8.74 -13.57 26.37
C GLN A 286 -10.06 -12.79 26.40
N ALA A 287 -11.13 -13.46 25.96
CA ALA A 287 -12.49 -12.93 25.94
C ALA A 287 -12.59 -11.50 25.43
N GLY A 288 -11.75 -11.16 24.47
CA GLY A 288 -11.78 -9.83 23.91
C GLY A 288 -11.34 -9.94 22.47
N VAL A 289 -12.08 -9.28 21.60
CA VAL A 289 -11.78 -9.27 20.19
C VAL A 289 -11.02 -8.01 19.80
N THR A 290 -10.04 -8.16 18.91
CA THR A 290 -9.27 -7.03 18.44
C THR A 290 -9.30 -7.02 16.93
N CYS A 291 -9.67 -5.88 16.36
CA CYS A 291 -9.75 -5.72 14.93
C CYS A 291 -8.84 -4.57 14.47
N THR A 292 -8.12 -4.79 13.39
CA THR A 292 -7.25 -3.78 12.82
C THR A 292 -7.93 -3.57 11.45
N CYS A 293 -8.23 -2.32 11.11
CA CYS A 293 -8.93 -2.03 9.86
C CYS A 293 -8.24 -1.07 8.92
N ARG A 294 -9.05 -0.55 8.00
CA ARG A 294 -8.59 0.37 6.98
C ARG A 294 -9.30 1.74 6.98
N ASP A 295 -8.51 2.79 7.21
CA ASP A 295 -9.00 4.16 7.19
C ASP A 295 -8.73 4.57 5.74
N ASN A 296 -9.74 4.43 4.89
CA ASN A 296 -9.57 4.78 3.48
C ASN A 296 -9.51 6.27 3.30
N TRP A 297 -10.22 6.97 4.17
CA TRP A 297 -10.31 8.42 4.11
C TRP A 297 -9.02 9.18 4.37
N GLN A 298 -8.51 9.18 5.59
CA GLN A 298 -7.29 9.92 5.92
C GLN A 298 -6.05 9.24 6.54
N GLY A 299 -6.22 8.08 7.18
CA GLY A 299 -5.09 7.38 7.82
C GLY A 299 -4.15 6.44 7.05
N SER A 300 -2.83 6.57 7.28
CA SER A 300 -1.81 5.68 6.68
C SER A 300 -1.39 4.68 7.76
N ASN A 301 -1.77 5.03 8.97
CA ASN A 301 -1.60 4.20 10.16
C ASN A 301 -2.96 3.51 10.10
N ARG A 302 -3.27 2.66 11.08
CA ARG A 302 -4.54 1.94 11.01
C ARG A 302 -5.38 2.01 12.27
N PRO A 303 -6.71 2.14 12.10
CA PRO A 303 -7.64 2.21 13.23
C PRO A 303 -7.72 0.79 13.77
N VAL A 304 -8.02 0.70 15.05
CA VAL A 304 -8.12 -0.57 15.74
C VAL A 304 -9.43 -0.50 16.49
N ILE A 305 -10.04 -1.65 16.73
CA ILE A 305 -11.27 -1.67 17.49
C ILE A 305 -11.16 -2.80 18.48
N GLN A 306 -11.11 -2.43 19.75
CA GLN A 306 -11.04 -3.37 20.83
C GLN A 306 -12.49 -3.56 21.09
N ILE A 307 -13.02 -4.74 20.78
CA ILE A 307 -14.43 -5.08 21.00
C ILE A 307 -14.46 -6.11 22.10
N ASP A 308 -15.43 -5.95 23.00
CA ASP A 308 -15.67 -6.83 24.13
C ASP A 308 -16.93 -7.69 23.77
N PRO A 309 -16.75 -9.01 23.61
CA PRO A 309 -17.91 -9.84 23.26
C PRO A 309 -19.00 -9.93 24.32
N VAL A 310 -18.63 -9.99 25.61
CA VAL A 310 -19.64 -10.09 26.67
C VAL A 310 -20.39 -8.77 26.90
N ALA A 311 -19.67 -7.74 27.30
CA ALA A 311 -20.26 -6.42 27.56
C ALA A 311 -20.87 -5.81 26.30
N MET A 312 -20.42 -6.29 25.16
CA MET A 312 -20.89 -5.82 23.87
C MET A 312 -20.66 -4.33 23.63
N THR A 313 -19.47 -3.88 24.01
CA THR A 313 -19.06 -2.51 23.79
C THR A 313 -17.89 -2.61 22.84
N HIS A 314 -17.13 -1.52 22.67
CA HIS A 314 -16.02 -1.51 21.76
C HIS A 314 -15.27 -0.18 21.87
N THR A 315 -14.13 -0.05 21.19
CA THR A 315 -13.36 1.18 21.28
C THR A 315 -12.54 1.34 20.02
N SER A 316 -12.03 2.54 19.73
CA SER A 316 -11.21 2.69 18.56
C SER A 316 -10.12 3.72 18.75
N GLN A 317 -9.04 3.58 17.97
CA GLN A 317 -7.92 4.51 18.02
C GLN A 317 -7.05 4.13 16.85
N TYR A 318 -5.75 4.38 16.96
CA TYR A 318 -4.85 4.04 15.88
C TYR A 318 -3.57 3.48 16.43
N ILE A 319 -2.85 2.75 15.58
CA ILE A 319 -1.58 2.17 15.96
C ILE A 319 -0.68 3.39 16.08
N CYS A 320 -0.17 3.62 17.28
CA CYS A 320 0.68 4.75 17.54
C CYS A 320 1.97 4.69 16.71
N SER A 321 2.36 3.47 16.38
CA SER A 321 3.62 3.26 15.68
C SER A 321 3.85 4.01 14.40
N PRO A 322 5.07 4.51 14.20
CA PRO A 322 5.44 5.26 13.00
C PRO A 322 5.81 4.29 11.89
N VAL A 323 5.65 3.00 12.17
CA VAL A 323 5.92 2.00 11.16
C VAL A 323 4.53 1.92 10.54
N LEU A 324 4.33 2.68 9.47
CA LEU A 324 3.02 2.72 8.83
C LEU A 324 2.81 1.41 8.08
N THR A 325 1.59 0.87 8.16
CA THR A 325 1.27 -0.42 7.51
C THR A 325 0.19 -0.42 6.44
N ASP A 326 -0.45 0.72 6.21
CA ASP A 326 -1.47 0.81 5.19
C ASP A 326 -0.70 1.03 3.88
N ASN A 327 -1.40 1.17 2.77
CA ASN A 327 -0.75 1.32 1.47
C ASN A 327 -1.83 1.74 0.44
N PRO A 328 -1.58 2.80 -0.35
CA PRO A 328 -0.35 3.61 -0.32
C PRO A 328 -0.08 4.23 1.05
N ARG A 329 1.18 4.62 1.25
CA ARG A 329 1.58 5.19 2.51
C ARG A 329 2.87 5.99 2.38
N PRO A 330 2.99 7.11 3.15
CA PRO A 330 4.20 7.91 3.08
C PRO A 330 5.30 7.10 3.75
N ASN A 331 6.55 7.51 3.58
CA ASN A 331 7.66 6.81 4.19
C ASN A 331 7.54 6.88 5.73
N ASP A 332 8.26 5.98 6.42
CA ASP A 332 8.23 5.88 7.88
C ASP A 332 8.74 7.10 8.65
N PRO A 333 7.93 7.62 9.57
CA PRO A 333 8.32 8.77 10.38
C PRO A 333 9.15 8.34 11.60
N THR A 334 9.57 9.32 12.40
CA THR A 334 10.33 9.04 13.59
C THR A 334 9.34 8.81 14.69
N VAL A 335 8.26 9.58 14.69
CA VAL A 335 7.23 9.48 15.73
C VAL A 335 5.86 9.30 15.06
N GLY A 336 4.89 8.72 15.77
CA GLY A 336 3.58 8.52 15.19
C GLY A 336 2.37 9.14 15.90
N LYS A 337 1.22 9.12 15.21
CA LYS A 337 -0.02 9.63 15.79
C LYS A 337 -0.80 8.47 16.42
N CYS A 338 -1.33 8.69 17.61
CA CYS A 338 -2.09 7.66 18.32
C CYS A 338 -3.61 7.77 18.22
N ASN A 339 -4.14 8.99 18.30
CA ASN A 339 -5.58 9.21 18.31
C ASN A 339 -6.16 9.93 17.09
N ASP A 340 -5.31 10.18 16.11
CA ASP A 340 -5.77 10.83 14.90
C ASP A 340 -5.00 10.15 13.78
N PRO A 341 -5.53 10.20 12.54
CA PRO A 341 -4.90 9.60 11.36
C PRO A 341 -3.59 10.25 10.93
N TYR A 342 -2.67 9.44 10.42
CA TYR A 342 -1.40 9.98 9.98
C TYR A 342 -1.61 10.44 8.56
N PRO A 343 -1.44 11.75 8.30
CA PRO A 343 -1.63 12.41 6.99
C PRO A 343 -0.52 12.29 5.97
N GLY A 344 -0.88 12.44 4.70
CA GLY A 344 0.09 12.37 3.63
C GLY A 344 -0.50 11.74 2.39
N ASN A 345 -1.34 10.75 2.61
CA ASN A 345 -1.96 10.04 1.51
C ASN A 345 -3.42 9.85 1.91
N ASN A 346 -4.35 10.07 0.98
CA ASN A 346 -5.77 9.85 1.30
C ASN A 346 -6.68 9.36 0.16
N ASN A 347 -7.81 8.78 0.57
CA ASN A 347 -8.82 8.19 -0.33
C ASN A 347 -8.27 6.88 -0.93
N ASN A 348 -7.65 6.03 -0.09
CA ASN A 348 -7.08 4.77 -0.54
C ASN A 348 -6.42 3.96 0.57
N GLY A 349 -6.23 2.67 0.32
CA GLY A 349 -5.62 1.79 1.30
C GLY A 349 -5.74 0.33 0.91
N VAL A 350 -5.52 -0.57 1.87
CA VAL A 350 -5.63 -2.02 1.62
C VAL A 350 -6.03 -2.66 2.93
N LYS A 351 -6.69 -3.83 2.86
CA LYS A 351 -7.06 -4.56 4.07
C LYS A 351 -5.75 -5.13 4.60
N GLY A 352 -5.54 -5.04 5.91
CA GLY A 352 -4.31 -5.52 6.50
C GLY A 352 -4.61 -6.01 7.88
N PHE A 353 -3.61 -6.41 8.65
CA PHE A 353 -3.89 -6.93 9.99
C PHE A 353 -2.70 -6.77 10.92
N SER A 354 -2.88 -7.19 12.17
CA SER A 354 -1.80 -7.15 13.12
C SER A 354 -2.15 -7.80 14.43
N TYR A 355 -1.16 -8.42 15.06
CA TYR A 355 -1.33 -9.02 16.37
C TYR A 355 -0.68 -8.06 17.40
N LEU A 356 -1.50 -7.53 18.29
CA LEU A 356 -1.02 -6.60 19.27
C LEU A 356 -0.97 -7.29 20.62
N ASP A 357 0.22 -7.76 20.98
CA ASP A 357 0.41 -8.45 22.25
C ASP A 357 1.57 -7.97 23.16
N GLY A 358 1.65 -6.66 23.38
CA GLY A 358 2.69 -6.10 24.25
C GLY A 358 4.06 -6.13 23.59
N GLY A 359 5.02 -6.92 24.10
CA GLY A 359 6.30 -6.97 23.43
C GLY A 359 6.15 -7.97 22.28
N ASN A 360 5.15 -8.83 22.45
CA ASN A 360 4.80 -9.91 21.53
C ASN A 360 3.91 -9.36 20.41
N THR A 361 4.35 -8.31 19.75
CA THR A 361 3.53 -7.72 18.70
C THR A 361 4.22 -7.65 17.35
N TRP A 362 3.48 -8.14 16.35
CA TRP A 362 3.93 -8.17 14.98
C TRP A 362 2.96 -7.42 14.04
N LEU A 363 3.54 -6.73 13.10
CA LEU A 363 2.74 -6.00 12.14
C LEU A 363 3.01 -6.57 10.75
N GLY A 364 2.01 -6.51 9.89
CA GLY A 364 2.18 -6.99 8.54
C GLY A 364 1.99 -5.79 7.63
N ARG A 365 2.74 -5.74 6.55
CA ARG A 365 2.57 -4.62 5.66
C ARG A 365 3.20 -4.96 4.34
N THR A 366 2.83 -4.20 3.30
CA THR A 366 3.37 -4.39 1.96
C THR A 366 4.76 -3.79 1.94
N ILE A 367 5.57 -4.25 1.01
CA ILE A 367 6.90 -3.74 0.96
C ILE A 367 6.96 -2.40 0.25
N SER A 368 6.26 -2.27 -0.85
CA SER A 368 6.25 -1.01 -1.56
C SER A 368 5.39 0.01 -0.81
N ILE A 369 5.83 1.27 -0.81
CA ILE A 369 5.01 2.28 -0.17
C ILE A 369 3.90 2.74 -1.14
N ALA A 370 4.07 2.43 -2.42
CA ALA A 370 3.13 2.84 -3.48
C ALA A 370 2.21 1.78 -4.06
N SER A 371 2.44 0.51 -3.76
CA SER A 371 1.64 -0.58 -4.33
C SER A 371 1.45 -1.75 -3.41
N ARG A 372 0.70 -2.75 -3.87
CA ARG A 372 0.51 -3.97 -3.09
C ARG A 372 1.43 -5.02 -3.71
N SER A 373 2.73 -4.79 -3.52
CA SER A 373 3.79 -5.65 -4.00
C SER A 373 4.58 -5.99 -2.74
N GLY A 374 5.01 -7.25 -2.63
CA GLY A 374 5.80 -7.69 -1.51
C GLY A 374 5.00 -7.71 -0.24
N TYR A 375 5.48 -8.42 0.76
CA TYR A 375 4.80 -8.43 2.05
C TYR A 375 5.84 -8.76 3.13
N GLU A 376 5.65 -8.20 4.33
CA GLU A 376 6.57 -8.44 5.41
C GLU A 376 5.92 -8.44 6.78
N MET A 377 6.59 -9.11 7.70
CA MET A 377 6.13 -9.19 9.06
C MET A 377 7.26 -8.59 9.88
N LEU A 378 6.91 -7.81 10.90
CA LEU A 378 7.92 -7.18 11.74
C LEU A 378 7.51 -7.14 13.19
N LYS A 379 8.47 -7.39 14.06
CA LYS A 379 8.20 -7.33 15.47
C LYS A 379 8.37 -5.84 15.87
N VAL A 380 7.29 -5.22 16.32
CA VAL A 380 7.33 -3.85 16.78
C VAL A 380 6.70 -3.89 18.15
N PRO A 381 7.51 -4.05 19.20
CA PRO A 381 6.97 -4.10 20.56
C PRO A 381 6.17 -2.82 20.86
N ASN A 382 5.17 -2.99 21.71
CA ASN A 382 4.26 -1.96 22.13
C ASN A 382 3.83 -0.98 21.04
N ALA A 383 3.72 -1.54 19.84
CA ALA A 383 3.31 -0.80 18.66
C ALA A 383 1.99 -0.04 18.84
N LEU A 384 1.13 -0.52 19.72
CA LEU A 384 -0.17 0.11 19.93
C LEU A 384 -0.13 1.32 20.87
N THR A 385 0.77 1.28 21.86
CA THR A 385 0.88 2.34 22.85
C THR A 385 2.06 3.32 22.64
N ASP A 386 3.20 2.78 22.22
CA ASP A 386 4.45 3.51 22.00
C ASP A 386 4.48 4.27 20.67
N ASP A 387 4.43 5.62 20.70
CA ASP A 387 4.45 6.38 19.44
C ASP A 387 5.82 6.57 18.76
N ARG A 388 6.77 5.75 19.15
CA ARG A 388 8.13 5.80 18.62
C ARG A 388 8.69 4.44 18.26
N SER A 389 7.94 3.40 18.63
CA SER A 389 8.31 2.00 18.40
C SER A 389 8.79 1.67 16.99
N LYS A 390 9.96 1.02 16.94
CA LYS A 390 10.55 0.60 15.69
C LYS A 390 10.82 -0.93 15.72
N PRO A 391 10.89 -1.58 14.54
CA PRO A 391 11.12 -3.02 14.45
C PRO A 391 12.35 -3.52 15.18
N THR A 392 12.24 -4.70 15.80
CA THR A 392 13.35 -5.33 16.50
C THR A 392 13.67 -6.72 15.89
N GLN A 393 12.77 -7.20 15.03
CA GLN A 393 12.94 -8.48 14.32
C GLN A 393 12.13 -8.34 13.04
N GLY A 394 12.34 -9.24 12.09
CA GLY A 394 11.57 -9.16 10.85
C GLY A 394 11.44 -10.51 10.21
N GLN A 395 10.78 -10.54 9.04
CA GLN A 395 10.61 -11.75 8.24
C GLN A 395 9.87 -11.38 6.98
N THR A 396 10.55 -11.56 5.85
CA THR A 396 9.94 -11.29 4.57
C THR A 396 9.02 -12.50 4.23
N ILE A 397 8.08 -12.29 3.31
CA ILE A 397 7.15 -13.32 2.91
C ILE A 397 7.06 -13.28 1.39
N VAL A 398 7.03 -12.08 0.85
CA VAL A 398 6.93 -11.93 -0.58
C VAL A 398 7.92 -10.85 -0.98
N LEU A 399 8.79 -11.19 -1.92
CA LEU A 399 9.78 -10.24 -2.38
C LEU A 399 9.06 -8.97 -2.91
N ASN A 400 9.78 -7.84 -2.94
CA ASN A 400 9.19 -6.60 -3.42
C ASN A 400 8.75 -6.75 -4.85
N THR A 401 9.48 -7.53 -5.64
CA THR A 401 9.14 -7.71 -7.04
C THR A 401 7.84 -8.49 -7.28
N ASP A 402 7.39 -9.25 -6.28
CA ASP A 402 6.15 -10.05 -6.36
C ASP A 402 4.95 -9.26 -5.84
N TRP A 403 3.76 -9.59 -6.33
CA TRP A 403 2.51 -8.88 -5.95
C TRP A 403 1.80 -9.49 -4.77
N SER A 404 1.32 -8.63 -3.87
CA SER A 404 0.60 -9.06 -2.70
C SER A 404 -0.83 -8.60 -2.93
N GLY A 405 -1.52 -8.18 -1.87
CA GLY A 405 -2.90 -7.75 -2.00
C GLY A 405 -3.49 -7.64 -0.60
N TYR A 406 -4.68 -8.18 -0.39
CA TYR A 406 -5.31 -8.14 0.94
C TYR A 406 -4.66 -9.14 1.88
N SER A 407 -4.84 -8.97 3.16
CA SER A 407 -4.25 -9.89 4.10
C SER A 407 -4.99 -9.72 5.35
N GLY A 408 -5.04 -10.78 6.15
CA GLY A 408 -5.75 -10.69 7.39
C GLY A 408 -5.35 -11.76 8.36
N SER A 409 -6.08 -11.81 9.47
CA SER A 409 -5.81 -12.77 10.51
C SER A 409 -6.89 -13.84 10.60
N PHE A 410 -6.59 -14.88 11.39
CA PHE A 410 -7.48 -16.00 11.66
C PHE A 410 -6.65 -16.93 12.55
N MET A 411 -7.34 -17.76 13.32
CA MET A 411 -6.63 -18.69 14.19
C MET A 411 -7.52 -19.91 14.39
N ASP A 412 -6.89 -21.05 14.66
CA ASP A 412 -7.61 -22.28 14.92
C ASP A 412 -7.90 -22.21 16.40
N TYR A 413 -9.10 -21.77 16.75
CA TYR A 413 -9.50 -21.64 18.13
C TYR A 413 -9.76 -23.01 18.71
N TRP A 414 -9.63 -24.03 17.87
CA TRP A 414 -9.82 -25.41 18.32
C TRP A 414 -8.53 -26.28 18.35
N ALA A 415 -7.39 -25.72 17.99
CA ALA A 415 -6.17 -26.54 18.03
C ALA A 415 -5.84 -26.78 19.49
N GLU A 416 -5.44 -28.01 19.80
CA GLU A 416 -5.09 -28.40 21.16
C GLU A 416 -3.89 -27.52 21.53
N GLY A 417 -3.86 -26.98 22.75
CA GLY A 417 -2.75 -26.14 23.17
C GLY A 417 -3.08 -25.18 24.29
N GLU A 418 -2.09 -24.48 24.82
CA GLU A 418 -2.40 -23.54 25.90
C GLU A 418 -2.44 -22.10 25.42
N CYS A 419 -2.24 -21.90 24.14
CA CYS A 419 -2.24 -20.56 23.59
C CYS A 419 -2.68 -20.66 22.14
N TYR A 420 -3.29 -19.60 21.62
CA TYR A 420 -3.74 -19.57 20.26
C TYR A 420 -2.60 -19.15 19.38
N ARG A 421 -2.33 -19.98 18.40
CA ARG A 421 -1.27 -19.74 17.43
C ARG A 421 -1.83 -18.72 16.44
N ALA A 422 -1.20 -17.56 16.38
CA ALA A 422 -1.62 -16.49 15.46
C ALA A 422 -1.38 -16.94 14.02
N CYS A 423 -2.27 -16.58 13.12
CA CYS A 423 -2.11 -16.95 11.73
C CYS A 423 -2.52 -15.79 10.83
N PHE A 424 -2.19 -15.88 9.56
CA PHE A 424 -2.53 -14.81 8.64
C PHE A 424 -2.42 -15.32 7.23
N TYR A 425 -2.98 -14.60 6.25
CA TYR A 425 -2.89 -15.00 4.84
C TYR A 425 -2.68 -13.73 4.01
N VAL A 426 -2.05 -13.87 2.86
CA VAL A 426 -1.83 -12.74 1.97
C VAL A 426 -2.34 -13.19 0.61
N GLU A 427 -3.33 -12.47 0.11
CA GLU A 427 -3.94 -12.72 -1.18
C GLU A 427 -2.94 -12.23 -2.20
N LEU A 428 -2.40 -13.16 -2.98
CA LEU A 428 -1.41 -12.78 -3.99
C LEU A 428 -2.23 -12.44 -5.22
N ILE A 429 -2.28 -11.16 -5.59
CA ILE A 429 -3.08 -10.75 -6.72
C ILE A 429 -2.39 -10.85 -8.08
N ARG A 430 -3.05 -11.51 -9.02
CA ARG A 430 -2.52 -11.68 -10.35
C ARG A 430 -3.42 -11.08 -11.41
N GLY A 431 -2.82 -10.39 -12.37
CA GLY A 431 -3.59 -9.76 -13.43
C GLY A 431 -3.77 -8.26 -13.22
N ARG A 432 -4.85 -7.77 -13.82
CA ARG A 432 -5.22 -6.38 -13.77
C ARG A 432 -5.39 -5.81 -12.36
N PRO A 433 -5.05 -4.54 -12.19
CA PRO A 433 -4.53 -3.54 -13.14
C PRO A 433 -3.04 -3.53 -13.46
N LYS A 434 -2.26 -4.25 -12.64
CA LYS A 434 -0.82 -4.32 -12.80
C LYS A 434 -0.38 -5.08 -14.03
N GLU A 435 -0.77 -6.35 -14.07
CA GLU A 435 -0.41 -7.20 -15.21
C GLU A 435 -1.58 -7.13 -16.14
N ASP A 436 -1.49 -6.24 -17.12
CA ASP A 436 -2.59 -6.04 -18.06
C ASP A 436 -2.46 -6.73 -19.43
N LYS A 437 -1.74 -7.84 -19.47
CA LYS A 437 -1.60 -8.61 -20.71
C LYS A 437 -2.84 -9.52 -20.74
N VAL A 438 -3.50 -9.62 -19.59
CA VAL A 438 -4.70 -10.42 -19.44
C VAL A 438 -5.90 -9.51 -19.12
N TRP A 439 -7.11 -10.00 -19.36
CA TRP A 439 -8.31 -9.24 -19.12
C TRP A 439 -8.96 -9.60 -17.81
N TRP A 440 -8.38 -10.53 -17.09
CA TRP A 440 -8.96 -10.91 -15.82
C TRP A 440 -8.14 -10.37 -14.67
N THR A 441 -8.63 -10.66 -13.48
CA THR A 441 -8.05 -10.25 -12.21
C THR A 441 -8.50 -11.40 -11.32
N SER A 442 -7.54 -12.02 -10.67
CA SER A 442 -7.81 -13.15 -9.78
C SER A 442 -6.63 -13.26 -8.81
N ASN A 443 -6.60 -14.32 -8.01
CA ASN A 443 -5.53 -14.48 -7.01
C ASN A 443 -5.24 -15.91 -6.56
N SER A 444 -4.39 -16.03 -5.54
CA SER A 444 -4.04 -17.31 -4.89
C SER A 444 -3.70 -16.93 -3.47
N ILE A 445 -3.77 -17.90 -2.57
CA ILE A 445 -3.51 -17.67 -1.16
C ILE A 445 -2.24 -18.33 -0.64
N VAL A 446 -1.68 -17.72 0.39
CA VAL A 446 -0.48 -18.19 1.10
C VAL A 446 -0.80 -17.74 2.52
N SER A 447 -0.75 -18.66 3.46
CA SER A 447 -1.04 -18.33 4.84
C SER A 447 0.06 -18.91 5.73
N MET A 448 0.17 -18.40 6.95
CA MET A 448 1.22 -18.85 7.88
C MET A 448 0.74 -18.71 9.30
N CYS A 449 1.40 -19.45 10.18
CA CYS A 449 1.07 -19.41 11.60
C CYS A 449 2.38 -19.21 12.37
N SER A 450 2.29 -18.88 13.65
CA SER A 450 3.50 -18.63 14.41
C SER A 450 4.26 -19.84 14.93
N SER A 451 5.52 -19.59 15.27
CA SER A 451 6.40 -20.62 15.82
C SER A 451 7.12 -19.98 17.00
N THR A 452 7.63 -20.80 17.90
CA THR A 452 8.37 -20.32 19.07
C THR A 452 9.84 -20.56 18.78
N GLU A 453 10.10 -21.05 17.58
CA GLU A 453 11.43 -21.35 17.11
C GLU A 453 11.78 -20.19 16.22
N PHE A 454 13.07 -20.00 15.96
CA PHE A 454 13.50 -18.90 15.12
C PHE A 454 13.87 -19.41 13.73
N LEU A 455 12.86 -20.01 13.08
CA LEU A 455 12.95 -20.59 11.75
C LEU A 455 13.53 -19.65 10.73
N GLY A 456 14.14 -20.24 9.71
CA GLY A 456 14.75 -19.50 8.61
C GLY A 456 13.67 -19.09 7.65
N GLN A 457 13.89 -18.01 6.92
CA GLN A 457 12.86 -17.52 6.03
C GLN A 457 12.97 -17.90 4.57
N TRP A 458 11.80 -18.06 3.95
CA TRP A 458 11.72 -18.35 2.52
C TRP A 458 10.66 -17.40 1.99
N ASN A 459 10.73 -17.14 0.68
CA ASN A 459 9.83 -16.25 -0.02
C ASN A 459 8.75 -17.12 -0.68
N TRP A 460 7.52 -16.62 -0.68
CA TRP A 460 6.38 -17.34 -1.21
C TRP A 460 5.57 -16.61 -2.27
N PRO A 461 6.04 -16.56 -3.52
CA PRO A 461 5.32 -15.88 -4.61
C PRO A 461 4.12 -16.69 -5.14
N ASP A 462 3.27 -16.04 -5.92
CA ASP A 462 2.11 -16.71 -6.50
C ASP A 462 2.63 -17.90 -7.27
N GLY A 463 3.59 -17.64 -8.18
CA GLY A 463 4.21 -18.71 -8.93
C GLY A 463 3.84 -18.96 -10.37
N ALA A 464 2.80 -18.30 -10.86
CA ALA A 464 2.33 -18.48 -12.23
C ALA A 464 3.09 -17.60 -13.22
N LYS A 465 3.13 -17.99 -14.49
CA LYS A 465 3.79 -17.18 -15.51
C LYS A 465 2.72 -16.57 -16.40
N ILE A 466 2.48 -15.27 -16.25
CA ILE A 466 1.47 -14.57 -17.04
C ILE A 466 1.59 -14.76 -18.55
N GLU A 467 2.76 -15.14 -19.03
CA GLU A 467 2.96 -15.32 -20.47
C GLU A 467 2.18 -16.52 -21.00
N TYR A 468 1.86 -17.44 -20.09
CA TYR A 468 1.16 -18.68 -20.43
C TYR A 468 -0.32 -18.52 -20.69
N PHE A 469 -0.92 -17.44 -20.18
CA PHE A 469 -2.34 -17.23 -20.40
C PHE A 469 -2.60 -16.39 -21.66
N LEU A 470 -1.54 -16.06 -22.41
CA LEU A 470 -1.71 -15.23 -23.61
C LEU A 470 -1.99 -16.08 -24.85
N ASP B 1 -1.10 19.13 -2.67
CA ASP B 1 0.07 18.24 -2.40
C ASP B 1 0.92 18.87 -1.30
N ILE B 2 2.00 18.21 -0.87
CA ILE B 2 2.83 18.88 0.14
C ILE B 2 3.51 19.98 -0.65
N GLN B 3 3.25 21.23 -0.29
CA GLN B 3 3.83 22.40 -0.95
C GLN B 3 5.25 22.75 -0.43
N MET B 4 6.23 22.82 -1.33
CA MET B 4 7.59 23.14 -0.89
C MET B 4 7.90 24.62 -1.02
N THR B 5 7.88 25.33 0.09
CA THR B 5 8.14 26.77 0.14
C THR B 5 9.64 27.10 0.22
N GLN B 6 10.15 27.72 -0.83
CA GLN B 6 11.54 28.12 -0.86
C GLN B 6 11.45 29.62 -1.05
N THR B 7 11.73 30.34 0.02
CA THR B 7 11.62 31.80 0.07
C THR B 7 12.94 32.52 -0.08
N THR B 8 13.22 32.94 -1.31
CA THR B 8 14.43 33.66 -1.72
C THR B 8 14.93 32.87 -2.92
N SER B 9 14.72 33.45 -4.08
CA SER B 9 15.11 32.87 -5.35
C SER B 9 16.38 33.54 -5.84
N SER B 10 16.87 34.51 -5.07
CA SER B 10 18.07 35.23 -5.42
C SER B 10 18.87 35.47 -4.15
N LEU B 11 20.16 35.13 -4.18
CA LEU B 11 21.03 35.33 -3.02
C LEU B 11 22.40 35.79 -3.49
N SER B 12 22.73 37.04 -3.21
CA SER B 12 24.03 37.56 -3.58
C SER B 12 25.00 37.15 -2.49
N ALA B 13 26.24 36.89 -2.88
CA ALA B 13 27.25 36.49 -1.91
C ALA B 13 28.59 36.76 -2.53
N SER B 14 29.64 36.50 -1.79
CA SER B 14 30.95 36.73 -2.34
C SER B 14 31.77 35.49 -2.10
N LEU B 15 32.65 35.20 -3.06
CA LEU B 15 33.52 34.05 -2.96
C LEU B 15 34.24 34.00 -1.61
N GLY B 16 34.16 32.87 -0.92
CA GLY B 16 34.79 32.73 0.38
C GLY B 16 33.74 32.61 1.48
N ASP B 17 32.61 33.27 1.24
CA ASP B 17 31.42 33.33 2.10
C ASP B 17 30.69 32.06 2.56
N ARG B 18 30.14 32.10 3.78
CA ARG B 18 29.33 31.00 4.29
C ARG B 18 27.86 31.41 4.09
N VAL B 19 27.26 30.84 3.05
CA VAL B 19 25.87 31.13 2.66
C VAL B 19 24.93 30.06 3.23
N THR B 20 23.69 30.44 3.50
CA THR B 20 22.69 29.51 4.01
C THR B 20 21.32 29.69 3.31
N ILE B 21 20.88 28.62 2.65
CA ILE B 21 19.61 28.54 1.93
C ILE B 21 18.62 27.82 2.84
N SER B 22 17.38 28.26 2.86
CA SER B 22 16.36 27.66 3.70
C SER B 22 15.18 27.16 2.85
N CYS B 23 14.54 26.09 3.30
CA CYS B 23 13.43 25.50 2.60
C CYS B 23 12.31 25.28 3.56
N ARG B 24 11.09 25.28 3.03
CA ARG B 24 9.91 25.10 3.87
C ARG B 24 8.96 24.09 3.24
N ALA B 25 8.28 23.32 4.09
CA ALA B 25 7.32 22.31 3.64
C ALA B 25 5.98 22.59 4.28
N SER B 26 4.89 22.37 3.56
CA SER B 26 3.53 22.60 4.11
C SER B 26 3.30 21.84 5.40
N GLN B 27 3.59 20.55 5.35
CA GLN B 27 3.39 19.67 6.49
C GLN B 27 4.77 19.19 6.94
N ASP B 28 4.77 18.50 8.06
CA ASP B 28 5.95 17.89 8.67
C ASP B 28 6.42 16.69 7.80
N ILE B 29 7.49 16.89 7.04
CA ILE B 29 8.04 15.84 6.17
C ILE B 29 9.00 14.86 6.87
N SER B 30 9.14 15.00 8.18
CA SER B 30 9.93 14.05 8.97
C SER B 30 11.37 13.79 8.45
N ASN B 31 12.03 14.83 7.96
CA ASN B 31 13.39 14.78 7.43
C ASN B 31 13.59 14.29 6.02
N TYR B 32 12.55 13.72 5.42
CA TYR B 32 12.63 13.23 4.06
C TYR B 32 12.68 14.41 3.09
N LEU B 33 13.82 15.09 3.11
CA LEU B 33 14.08 16.26 2.28
C LEU B 33 15.49 16.17 1.68
N ASN B 34 15.62 16.59 0.43
CA ASN B 34 16.89 16.52 -0.27
C ASN B 34 17.20 17.90 -0.88
N TRP B 35 18.38 18.05 -1.46
CA TRP B 35 18.82 19.31 -2.06
C TRP B 35 19.47 18.96 -3.41
N TYR B 36 19.21 19.77 -4.43
CA TYR B 36 19.74 19.56 -5.78
C TYR B 36 20.40 20.84 -6.28
N GLN B 37 21.47 20.67 -7.03
CA GLN B 37 22.17 21.80 -7.61
C GLN B 37 22.04 21.66 -9.10
N GLN B 38 21.60 22.73 -9.74
CA GLN B 38 21.49 22.69 -11.18
C GLN B 38 22.46 23.72 -11.68
N ASN B 39 23.56 23.25 -12.25
CA ASN B 39 24.55 24.17 -12.78
C ASN B 39 23.95 24.80 -14.06
N PRO B 40 24.34 26.04 -14.39
CA PRO B 40 23.87 26.80 -15.55
C PRO B 40 23.57 26.13 -16.88
N ASP B 41 24.11 24.96 -17.17
CA ASP B 41 23.76 24.32 -18.45
C ASP B 41 22.44 23.58 -18.29
N GLY B 42 22.40 22.68 -17.33
CA GLY B 42 21.19 21.93 -17.07
C GLY B 42 21.44 20.81 -16.09
N THR B 43 22.70 20.47 -15.90
CA THR B 43 23.07 19.39 -15.01
C THR B 43 22.42 19.53 -13.64
N VAL B 44 21.55 18.58 -13.29
CA VAL B 44 20.90 18.60 -11.98
C VAL B 44 21.63 17.52 -11.19
N LYS B 45 22.37 17.95 -10.17
CA LYS B 45 23.15 17.06 -9.30
C LYS B 45 22.52 17.03 -7.91
N LEU B 46 22.68 15.91 -7.22
CA LEU B 46 22.17 15.74 -5.87
C LEU B 46 23.35 15.91 -4.91
N LEU B 47 23.11 16.62 -3.81
CA LEU B 47 24.15 16.88 -2.83
C LEU B 47 23.84 16.25 -1.50
N ILE B 48 22.71 16.64 -0.94
CA ILE B 48 22.34 16.13 0.36
C ILE B 48 21.02 15.40 0.23
N TYR B 49 20.85 14.36 1.02
CA TYR B 49 19.64 13.60 0.98
C TYR B 49 19.30 13.24 2.41
N TYR B 50 18.00 13.20 2.66
CA TYR B 50 17.47 12.87 3.97
C TYR B 50 18.02 13.87 4.95
N THR B 51 17.83 15.14 4.61
CA THR B 51 18.27 16.28 5.42
C THR B 51 19.78 16.54 5.50
N SER B 52 20.54 15.57 6.02
CA SER B 52 21.98 15.74 6.21
C SER B 52 22.99 14.83 5.50
N ASN B 53 22.53 13.81 4.80
CA ASN B 53 23.46 12.88 4.15
C ASN B 53 24.03 13.39 2.86
N LEU B 54 25.36 13.52 2.80
CA LEU B 54 25.98 13.97 1.57
C LEU B 54 26.01 12.81 0.60
N HIS B 55 25.85 13.11 -0.69
CA HIS B 55 25.88 12.06 -1.67
C HIS B 55 27.37 11.77 -1.94
N SER B 56 27.61 10.71 -2.69
CA SER B 56 28.97 10.31 -3.05
C SER B 56 29.64 11.48 -3.78
N GLU B 57 30.93 11.68 -3.50
CA GLU B 57 31.72 12.75 -4.12
C GLU B 57 31.05 14.14 -4.12
N VAL B 58 30.63 14.58 -2.93
CA VAL B 58 30.03 15.91 -2.73
C VAL B 58 30.90 16.66 -1.72
N PRO B 59 31.43 17.83 -2.11
CA PRO B 59 32.30 18.68 -1.29
C PRO B 59 31.88 18.72 0.16
N SER B 60 32.81 18.37 1.03
CA SER B 60 32.64 18.32 2.48
C SER B 60 32.17 19.63 3.11
N ARG B 61 32.19 20.68 2.29
CA ARG B 61 31.77 22.00 2.74
C ARG B 61 30.27 22.19 2.79
N PHE B 62 29.52 21.49 1.92
CA PHE B 62 28.06 21.58 1.86
C PHE B 62 27.39 20.98 3.09
N SER B 63 26.48 21.75 3.70
CA SER B 63 25.78 21.33 4.89
C SER B 63 24.28 21.25 4.61
N GLY B 64 23.56 20.49 5.45
CA GLY B 64 22.14 20.35 5.31
C GLY B 64 21.59 20.11 6.70
N SER B 65 20.51 20.79 7.04
CA SER B 65 19.94 20.59 8.37
C SER B 65 18.51 21.02 8.36
N GLY B 66 17.86 20.95 9.50
CA GLY B 66 16.48 21.33 9.59
C GLY B 66 15.67 20.12 9.97
N SER B 67 14.57 20.38 10.63
CA SER B 67 13.67 19.33 11.06
C SER B 67 12.26 19.84 10.70
N GLY B 68 11.23 19.15 11.20
CA GLY B 68 9.85 19.54 10.97
C GLY B 68 9.49 20.09 9.62
N THR B 69 9.23 21.40 9.55
CA THR B 69 8.84 22.04 8.30
C THR B 69 9.89 22.92 7.67
N ASP B 70 10.94 23.21 8.44
CA ASP B 70 11.99 24.08 7.97
C ASP B 70 13.34 23.37 7.88
N TYR B 71 13.99 23.48 6.72
CA TYR B 71 15.28 22.85 6.51
C TYR B 71 16.20 23.88 5.85
N SER B 72 17.50 23.57 5.77
CA SER B 72 18.43 24.52 5.19
C SER B 72 19.77 23.96 4.73
N LEU B 73 20.23 24.48 3.60
CA LEU B 73 21.49 24.08 3.02
C LEU B 73 22.50 25.17 3.36
N THR B 74 23.66 24.75 3.90
CA THR B 74 24.71 25.69 4.26
C THR B 74 25.99 25.45 3.51
N ILE B 75 26.31 26.41 2.64
CA ILE B 75 27.51 26.42 1.82
C ILE B 75 28.56 27.23 2.63
N SER B 76 29.67 26.59 2.99
CA SER B 76 30.70 27.24 3.79
C SER B 76 31.57 28.32 3.14
N ASN B 77 32.37 27.93 2.16
CA ASN B 77 33.26 28.88 1.50
C ASN B 77 32.86 29.05 0.03
N LEU B 78 31.91 29.93 -0.22
CA LEU B 78 31.42 30.12 -1.57
C LEU B 78 32.48 30.18 -2.68
N GLU B 79 32.51 29.15 -3.50
CA GLU B 79 33.44 29.09 -4.61
C GLU B 79 32.69 29.42 -5.87
N GLN B 80 33.37 30.02 -6.85
CA GLN B 80 32.76 30.39 -8.12
C GLN B 80 31.84 29.26 -8.63
N GLU B 81 32.32 28.03 -8.56
CA GLU B 81 31.57 26.88 -9.05
C GLU B 81 30.35 26.49 -8.23
N ASP B 82 29.90 27.37 -7.33
CA ASP B 82 28.70 27.12 -6.52
C ASP B 82 27.60 28.06 -6.95
N ILE B 83 27.89 28.93 -7.91
CA ILE B 83 26.92 29.90 -8.39
C ILE B 83 25.92 29.22 -9.32
N ALA B 84 25.02 28.46 -8.72
CA ALA B 84 24.00 27.72 -9.44
C ALA B 84 22.70 27.91 -8.67
N THR B 85 21.68 27.15 -9.06
CA THR B 85 20.38 27.21 -8.39
C THR B 85 20.22 25.94 -7.53
N TYR B 86 19.79 26.12 -6.30
CA TYR B 86 19.61 24.96 -5.44
C TYR B 86 18.12 24.76 -5.24
N PHE B 87 17.67 23.50 -5.37
CA PHE B 87 16.26 23.15 -5.21
C PHE B 87 16.10 22.14 -4.10
N CYS B 88 15.23 22.43 -3.14
CA CYS B 88 14.96 21.44 -2.09
C CYS B 88 13.79 20.61 -2.64
N GLN B 89 13.56 19.45 -2.07
CA GLN B 89 12.53 18.54 -2.54
C GLN B 89 12.16 17.63 -1.39
N GLN B 90 10.92 17.16 -1.37
CA GLN B 90 10.50 16.24 -0.31
C GLN B 90 10.10 14.90 -0.95
N ASP B 91 10.42 13.80 -0.27
CA ASP B 91 10.09 12.47 -0.74
C ASP B 91 9.41 11.72 0.43
N PHE B 92 8.76 12.50 1.29
CA PHE B 92 8.08 11.96 2.44
C PHE B 92 6.90 11.19 1.94
N THR B 93 6.22 11.70 0.93
CA THR B 93 5.08 11.00 0.38
C THR B 93 5.02 11.24 -1.09
N LEU B 94 4.11 10.54 -1.76
CA LEU B 94 3.91 10.73 -3.18
C LEU B 94 2.72 11.66 -3.26
N PRO B 95 2.73 12.60 -4.21
CA PRO B 95 3.85 12.75 -5.14
C PRO B 95 5.03 13.50 -4.52
N PHE B 96 6.17 13.42 -5.18
CA PHE B 96 7.36 14.13 -4.74
C PHE B 96 7.15 15.56 -5.23
N THR B 97 7.64 16.53 -4.45
CA THR B 97 7.52 17.91 -4.83
C THR B 97 8.86 18.65 -4.67
N PHE B 98 8.97 19.78 -5.34
CA PHE B 98 10.19 20.55 -5.29
C PHE B 98 9.83 21.97 -4.95
N GLY B 99 10.78 22.67 -4.35
CA GLY B 99 10.58 24.07 -4.00
C GLY B 99 10.80 24.88 -5.27
N GLY B 100 10.67 26.20 -5.14
CA GLY B 100 10.88 27.06 -6.29
C GLY B 100 12.30 27.14 -6.81
N GLY B 101 13.26 26.99 -5.91
CA GLY B 101 14.66 27.10 -6.29
C GLY B 101 15.25 28.41 -5.78
N THR B 102 16.57 28.50 -5.73
CA THR B 102 17.24 29.70 -5.27
C THR B 102 18.55 29.94 -6.01
N LYS B 103 18.55 30.97 -6.86
CA LYS B 103 19.69 31.32 -7.67
C LYS B 103 20.68 32.18 -6.89
N LEU B 104 21.89 31.63 -6.75
CA LEU B 104 22.98 32.27 -6.06
C LEU B 104 23.69 33.18 -7.08
N GLU B 105 24.07 34.38 -6.62
CA GLU B 105 24.74 35.40 -7.42
C GLU B 105 25.86 36.03 -6.58
N ILE B 106 26.70 36.85 -7.22
CA ILE B 106 27.81 37.55 -6.55
C ILE B 106 27.52 39.03 -6.25
N ARG B 107 27.98 39.49 -5.07
CA ARG B 107 27.81 40.87 -4.63
C ARG B 107 29.06 41.59 -5.11
N ARG B 108 28.88 42.61 -5.93
CA ARG B 108 30.02 43.37 -6.44
C ARG B 108 29.67 44.85 -6.55
N ALA B 109 30.55 45.64 -7.15
CA ALA B 109 30.37 47.08 -7.29
C ALA B 109 29.14 47.49 -8.12
N GLN C 1 29.66 3.39 -12.97
CA GLN C 1 29.35 4.83 -13.20
C GLN C 1 27.93 4.90 -13.72
N VAL C 2 27.00 5.31 -12.86
CA VAL C 2 25.64 5.42 -13.32
C VAL C 2 25.68 6.46 -14.44
N GLN C 3 25.01 6.17 -15.54
CA GLN C 3 24.96 7.05 -16.68
C GLN C 3 23.58 6.93 -17.25
N LEU C 4 22.77 7.98 -17.12
CA LEU C 4 21.42 7.97 -17.70
C LEU C 4 21.58 8.86 -18.90
N GLN C 5 21.70 8.26 -20.08
CA GLN C 5 21.89 9.01 -21.32
C GLN C 5 20.56 9.36 -21.98
N GLN C 6 20.41 10.64 -22.28
CA GLN C 6 19.16 11.14 -22.82
C GLN C 6 19.41 12.16 -23.93
N PRO C 7 18.69 12.03 -25.06
CA PRO C 7 18.79 12.92 -26.24
C PRO C 7 18.70 14.42 -25.92
N GLY C 8 19.21 15.25 -26.83
CA GLY C 8 19.19 16.68 -26.61
C GLY C 8 17.84 17.38 -26.74
N ALA C 9 17.16 17.22 -27.88
CA ALA C 9 15.87 17.88 -28.05
C ALA C 9 14.93 17.22 -29.02
N GLU C 10 13.64 17.27 -28.70
CA GLU C 10 12.62 16.72 -29.55
C GLU C 10 11.79 17.82 -30.19
N LEU C 11 11.57 17.73 -31.50
CA LEU C 11 10.77 18.70 -32.24
C LEU C 11 9.53 17.95 -32.75
N VAL C 12 8.34 18.34 -32.31
CA VAL C 12 7.12 17.66 -32.77
C VAL C 12 5.96 18.62 -32.99
N LYS C 13 5.11 18.29 -33.97
CA LYS C 13 3.94 19.09 -34.32
C LYS C 13 2.90 19.01 -33.24
N PRO C 14 2.27 20.16 -32.91
CA PRO C 14 1.23 20.24 -31.87
C PRO C 14 0.06 19.31 -32.12
N GLY C 15 -0.21 18.45 -31.12
CA GLY C 15 -1.31 17.51 -31.20
C GLY C 15 -0.80 16.09 -31.42
N ALA C 16 0.49 15.95 -31.70
CA ALA C 16 1.12 14.65 -31.96
C ALA C 16 1.43 13.91 -30.67
N SER C 17 2.25 12.87 -30.80
CA SER C 17 2.68 12.04 -29.67
C SER C 17 4.18 12.00 -29.75
N VAL C 18 4.84 11.60 -28.68
CA VAL C 18 6.31 11.50 -28.71
C VAL C 18 6.86 10.55 -27.65
N ARG C 19 8.06 10.03 -27.92
CA ARG C 19 8.72 9.13 -26.99
C ARG C 19 10.06 9.60 -26.51
N MET C 20 10.20 9.56 -25.19
CA MET C 20 11.40 9.96 -24.51
C MET C 20 12.23 8.75 -24.19
N SER C 21 13.32 8.62 -24.91
CA SER C 21 14.28 7.57 -24.77
C SER C 21 15.12 7.98 -23.55
N CYS C 22 15.41 7.01 -22.69
CA CYS C 22 16.24 7.26 -21.52
C CYS C 22 17.04 6.00 -21.31
N LYS C 23 18.10 5.89 -22.11
CA LYS C 23 19.02 4.74 -22.09
C LYS C 23 19.89 4.84 -20.83
N ALA C 24 19.77 3.83 -19.95
CA ALA C 24 20.52 3.75 -18.69
C ALA C 24 21.68 2.73 -18.73
N SER C 25 22.86 3.14 -18.27
CA SER C 25 24.01 2.23 -18.24
C SER C 25 24.82 2.49 -16.98
N GLY C 26 25.34 1.45 -16.35
CA GLY C 26 26.15 1.66 -15.17
C GLY C 26 25.81 0.87 -13.91
N TYR C 27 24.61 0.28 -13.88
CA TYR C 27 24.15 -0.54 -12.74
C TYR C 27 23.08 -1.53 -13.24
N THR C 28 22.53 -2.31 -12.31
CA THR C 28 21.49 -3.28 -12.61
C THR C 28 20.16 -2.55 -12.89
N PHE C 29 19.88 -2.36 -14.19
CA PHE C 29 18.68 -1.67 -14.68
C PHE C 29 17.40 -2.12 -13.97
N THR C 30 17.23 -3.43 -13.87
CA THR C 30 16.10 -4.08 -13.22
C THR C 30 15.95 -3.76 -11.73
N ASN C 31 16.95 -3.13 -11.14
CA ASN C 31 16.91 -2.84 -9.70
C ASN C 31 16.49 -1.47 -9.20
N TYR C 32 16.40 -0.47 -10.07
CA TYR C 32 16.07 0.88 -9.62
C TYR C 32 14.88 1.55 -10.27
N ASN C 33 13.99 2.10 -9.45
CA ASN C 33 12.84 2.84 -9.97
C ASN C 33 13.41 3.94 -10.85
N MET C 34 12.75 4.22 -11.96
CA MET C 34 13.17 5.26 -12.86
C MET C 34 12.09 6.34 -12.82
N TYR C 35 12.46 7.57 -12.48
CA TYR C 35 11.49 8.66 -12.43
C TYR C 35 11.65 9.58 -13.61
N TRP C 36 10.63 10.42 -13.82
CA TRP C 36 10.60 11.40 -14.89
C TRP C 36 10.20 12.73 -14.29
N VAL C 37 10.79 13.79 -14.79
CA VAL C 37 10.51 15.13 -14.28
C VAL C 37 10.46 16.18 -15.38
N LYS C 38 9.55 17.12 -15.20
CA LYS C 38 9.34 18.22 -16.13
C LYS C 38 9.82 19.53 -15.49
N GLN C 39 10.60 20.32 -16.23
CA GLN C 39 11.07 21.61 -15.72
C GLN C 39 10.62 22.67 -16.71
N SER C 40 9.65 23.48 -16.28
CA SER C 40 9.13 24.52 -17.16
C SER C 40 9.04 25.87 -16.44
N PRO C 41 9.11 26.97 -17.19
CA PRO C 41 9.01 28.28 -16.56
C PRO C 41 7.65 28.43 -15.88
N GLY C 42 7.66 28.99 -14.69
CA GLY C 42 6.43 29.19 -13.95
C GLY C 42 6.16 28.09 -12.94
N GLN C 43 5.82 26.90 -13.45
CA GLN C 43 5.54 25.75 -12.60
C GLN C 43 6.80 25.23 -11.90
N GLY C 44 7.90 25.19 -12.66
CA GLY C 44 9.16 24.72 -12.12
C GLY C 44 9.28 23.22 -12.33
N LEU C 45 9.95 22.54 -11.39
CA LEU C 45 10.16 21.10 -11.46
C LEU C 45 8.94 20.33 -11.01
N GLU C 46 8.58 19.31 -11.79
CA GLU C 46 7.42 18.46 -11.50
C GLU C 46 7.68 16.98 -11.80
N TRP C 47 7.30 16.12 -10.87
CA TRP C 47 7.46 14.68 -11.04
C TRP C 47 6.30 14.15 -11.86
N ILE C 48 6.60 13.39 -12.91
CA ILE C 48 5.57 12.81 -13.76
C ILE C 48 5.12 11.43 -13.25
N GLY C 49 6.06 10.53 -13.04
CA GLY C 49 5.73 9.20 -12.58
C GLY C 49 6.94 8.29 -12.33
N ILE C 50 6.67 7.01 -12.13
CA ILE C 50 7.72 6.03 -11.83
C ILE C 50 7.51 4.65 -12.47
N PHE C 51 8.56 4.14 -13.06
CA PHE C 51 8.54 2.86 -13.70
C PHE C 51 9.58 1.97 -13.01
N TYR C 52 9.14 0.85 -12.43
CA TYR C 52 10.06 -0.09 -11.78
C TYR C 52 10.32 -1.31 -12.69
N PRO C 53 11.44 -1.33 -13.41
CA PRO C 53 11.76 -2.45 -14.31
C PRO C 53 11.67 -3.86 -13.70
N GLY C 54 11.88 -3.92 -12.39
CA GLY C 54 11.84 -5.20 -11.71
C GLY C 54 10.58 -6.02 -11.90
N ASN C 55 9.44 -5.34 -12.08
CA ASN C 55 8.16 -6.00 -12.27
C ASN C 55 7.11 -5.12 -12.98
N GLY C 56 7.56 -4.03 -13.62
CA GLY C 56 6.65 -3.16 -14.35
C GLY C 56 5.74 -2.17 -13.64
N ASP C 57 5.85 -2.10 -12.33
CA ASP C 57 5.04 -1.18 -11.51
C ASP C 57 5.19 0.26 -12.00
N THR C 58 4.08 1.00 -11.99
CA THR C 58 4.03 2.42 -12.39
C THR C 58 3.06 3.24 -11.50
N SER C 59 3.33 4.52 -11.36
CA SER C 59 2.48 5.44 -10.58
C SER C 59 2.73 6.75 -11.29
N TYR C 60 1.72 7.59 -11.37
CA TYR C 60 1.83 8.86 -12.08
C TYR C 60 1.39 9.99 -11.20
N ASN C 61 1.86 11.19 -11.54
CA ASN C 61 1.50 12.42 -10.82
C ASN C 61 0.08 12.55 -11.33
N GLN C 62 -0.92 12.51 -10.44
CA GLN C 62 -2.32 12.59 -10.88
C GLN C 62 -2.56 13.63 -11.95
N LYS C 63 -1.83 14.73 -11.92
CA LYS C 63 -2.00 15.78 -12.93
C LYS C 63 -1.43 15.43 -14.32
N PHE C 64 -0.83 14.26 -14.42
CA PHE C 64 -0.23 13.77 -15.66
C PHE C 64 -0.74 12.36 -16.02
N LYS C 65 -1.74 11.86 -15.29
CA LYS C 65 -2.27 10.51 -15.55
C LYS C 65 -3.05 10.38 -16.88
N ASP C 66 -2.70 11.20 -17.86
CA ASP C 66 -3.33 11.18 -19.16
C ASP C 66 -2.23 11.46 -20.15
N LYS C 67 -1.55 12.59 -19.95
CA LYS C 67 -0.46 13.04 -20.79
C LYS C 67 0.70 12.05 -20.96
N ALA C 68 0.99 11.27 -19.91
CA ALA C 68 2.10 10.34 -19.99
C ALA C 68 1.76 8.87 -19.76
N THR C 69 2.52 8.01 -20.42
CA THR C 69 2.36 6.55 -20.31
C THR C 69 3.80 6.02 -20.23
N LEU C 70 4.21 5.61 -19.05
CA LEU C 70 5.55 5.07 -18.83
C LEU C 70 5.67 3.62 -19.31
N THR C 71 6.89 3.29 -19.75
CA THR C 71 7.22 1.94 -20.23
C THR C 71 8.75 1.84 -20.31
N ALA C 72 9.28 0.65 -20.61
CA ALA C 72 10.71 0.48 -20.73
C ALA C 72 11.06 -0.83 -21.41
N ASP C 73 12.19 -0.86 -22.09
CA ASP C 73 12.68 -2.05 -22.77
C ASP C 73 13.79 -2.60 -21.87
N LYS C 74 13.55 -3.75 -21.26
CA LYS C 74 14.57 -4.37 -20.40
C LYS C 74 15.81 -4.84 -21.16
N SER C 75 15.62 -5.25 -22.42
CA SER C 75 16.70 -5.77 -23.26
C SER C 75 17.73 -4.70 -23.59
N SER C 76 17.26 -3.56 -24.06
CA SER C 76 18.11 -2.44 -24.43
C SER C 76 18.42 -1.54 -23.24
N ASN C 77 17.88 -1.89 -22.07
CA ASN C 77 18.09 -1.12 -20.84
C ASN C 77 17.61 0.33 -20.88
N THR C 78 16.58 0.59 -21.66
CA THR C 78 16.05 1.92 -21.80
C THR C 78 14.69 2.05 -21.12
N ALA C 79 14.45 3.21 -20.52
CA ALA C 79 13.17 3.51 -19.92
C ALA C 79 12.56 4.45 -20.95
N TYR C 80 11.25 4.58 -20.97
CA TYR C 80 10.59 5.45 -21.93
C TYR C 80 9.44 6.26 -21.33
N MET C 81 9.03 7.27 -22.08
CA MET C 81 7.89 8.10 -21.70
C MET C 81 7.26 8.62 -22.98
N GLN C 82 6.01 8.25 -23.24
CA GLN C 82 5.34 8.76 -24.43
C GLN C 82 4.27 9.78 -24.00
N LEU C 83 4.39 11.00 -24.50
CA LEU C 83 3.44 12.05 -24.16
C LEU C 83 2.38 12.11 -25.25
N SER C 84 1.13 12.01 -24.82
CA SER C 84 -0.02 12.02 -25.72
C SER C 84 -0.70 13.38 -25.88
N SER C 85 -0.89 13.79 -27.14
CA SER C 85 -1.58 15.03 -27.50
C SER C 85 -0.85 16.31 -27.11
N LEU C 86 0.34 16.49 -27.69
CA LEU C 86 1.19 17.66 -27.43
C LEU C 86 0.57 19.01 -27.76
N THR C 87 0.77 19.99 -26.88
CA THR C 87 0.25 21.35 -27.08
C THR C 87 1.41 22.31 -26.80
N SER C 88 1.19 23.60 -26.97
CA SER C 88 2.23 24.59 -26.71
C SER C 88 2.79 24.41 -25.28
N GLU C 89 1.89 24.28 -24.31
CA GLU C 89 2.30 24.10 -22.92
C GLU C 89 3.17 22.88 -22.63
N ASP C 90 3.23 21.94 -23.56
CA ASP C 90 4.04 20.78 -23.31
C ASP C 90 5.52 21.09 -23.48
N SER C 91 5.82 22.21 -24.14
CA SER C 91 7.21 22.60 -24.31
C SER C 91 7.84 22.88 -22.93
N ALA C 92 8.82 22.04 -22.57
CA ALA C 92 9.54 22.12 -21.31
C ALA C 92 10.77 21.22 -21.45
N VAL C 93 11.37 20.83 -20.34
CA VAL C 93 12.50 19.93 -20.37
C VAL C 93 12.23 18.73 -19.48
N TYR C 94 12.26 17.55 -20.08
CA TYR C 94 12.00 16.33 -19.36
C TYR C 94 13.28 15.60 -19.05
N TYR C 95 13.40 15.22 -17.77
CA TYR C 95 14.53 14.52 -17.20
C TYR C 95 14.07 13.16 -16.68
N CYS C 96 14.92 12.13 -16.82
CA CYS C 96 14.61 10.82 -16.27
C CYS C 96 15.66 10.72 -15.18
N ALA C 97 15.32 10.21 -14.00
CA ALA C 97 16.29 10.12 -12.91
C ALA C 97 16.18 8.82 -12.09
N ARG C 98 17.29 8.40 -11.50
CA ARG C 98 17.38 7.19 -10.72
C ARG C 98 17.20 7.41 -9.24
N SER C 99 16.59 6.42 -8.57
CA SER C 99 16.33 6.50 -7.15
C SER C 99 17.46 6.06 -6.20
N GLY C 100 17.75 6.92 -5.22
CA GLY C 100 18.78 6.60 -4.26
C GLY C 100 18.40 5.35 -3.50
N GLY C 101 17.12 5.19 -3.18
CA GLY C 101 16.70 4.00 -2.45
C GLY C 101 16.44 2.77 -3.30
N SER C 102 16.83 2.79 -4.57
CA SER C 102 16.59 1.68 -5.51
C SER C 102 15.08 1.39 -5.70
N TYR C 103 14.53 0.40 -5.03
CA TYR C 103 13.10 0.13 -5.21
C TYR C 103 12.26 1.03 -4.30
N ARG C 104 12.90 1.55 -3.25
CA ARG C 104 12.24 2.44 -2.30
C ARG C 104 12.02 3.85 -2.83
N TYR C 105 11.16 4.61 -2.16
CA TYR C 105 10.89 5.97 -2.60
C TYR C 105 11.43 6.99 -1.58
N ASP C 106 12.73 6.84 -1.31
CA ASP C 106 13.47 7.68 -0.40
C ASP C 106 14.94 7.68 -0.89
N GLY C 107 15.75 8.58 -0.37
CA GLY C 107 17.11 8.64 -0.85
C GLY C 107 17.23 9.57 -2.07
N GLY C 108 16.20 10.37 -2.35
CA GLY C 108 16.23 11.30 -3.48
C GLY C 108 16.55 10.71 -4.86
N PHE C 109 16.69 11.56 -5.86
CA PHE C 109 17.02 11.09 -7.18
C PHE C 109 18.55 11.19 -7.25
N ASP C 110 19.25 10.09 -6.94
CA ASP C 110 20.72 10.11 -6.94
C ASP C 110 21.40 10.39 -8.25
N TYR C 111 20.76 10.06 -9.37
CA TYR C 111 21.37 10.31 -10.67
C TYR C 111 20.37 10.78 -11.70
N TRP C 112 20.78 11.79 -12.46
CA TRP C 112 19.94 12.43 -13.46
C TRP C 112 20.50 12.33 -14.88
N GLY C 113 19.60 12.29 -15.86
CA GLY C 113 20.01 12.30 -17.25
C GLY C 113 20.39 13.76 -17.58
N GLN C 114 20.78 14.04 -18.81
CA GLN C 114 21.15 15.43 -19.18
C GLN C 114 19.92 16.29 -19.51
N GLY C 115 18.79 15.64 -19.79
CA GLY C 115 17.57 16.35 -20.10
C GLY C 115 17.25 16.46 -21.58
N THR C 116 15.98 16.21 -21.92
CA THR C 116 15.53 16.32 -23.32
C THR C 116 14.61 17.51 -23.32
N THR C 117 14.86 18.46 -24.20
CA THR C 117 14.02 19.64 -24.30
C THR C 117 13.01 19.36 -25.39
N LEU C 118 11.73 19.33 -25.03
CA LEU C 118 10.68 19.09 -26.02
C LEU C 118 10.12 20.42 -26.54
N THR C 119 9.92 20.49 -27.87
CA THR C 119 9.36 21.69 -28.50
C THR C 119 8.14 21.37 -29.34
N VAL C 120 7.12 22.20 -29.19
CA VAL C 120 5.87 22.06 -29.92
C VAL C 120 5.75 23.32 -30.80
N SER C 121 5.73 23.14 -32.12
CA SER C 121 5.62 24.29 -33.02
C SER C 121 5.19 23.89 -34.42
N SER C 122 5.17 24.85 -35.33
CA SER C 122 4.77 24.63 -36.71
C SER C 122 5.76 25.31 -37.65
#